data_5OGS
#
_entry.id   5OGS
#
_cell.length_a   249.712
_cell.length_b   249.712
_cell.length_c   249.712
_cell.angle_alpha   90.00
_cell.angle_beta   90.00
_cell.angle_gamma   90.00
#
_symmetry.space_group_name_H-M   'F 4 3 2'
#
loop_
_entity.id
_entity.type
_entity.pdbx_description
1 polymer 'WD repeat and HMG-box DNA-binding protein 1'
2 non-polymer 'MALONATE ION'
3 water water
#
_entity_poly.entity_id   1
_entity_poly.type   'polypeptide(L)'
_entity_poly.pdbx_seq_one_letter_code
;GSGGGDDMSNAGDFLNDNAVEIPSFSKGIINDDEDDEDLMMASGRPRQRSHILEDDENSVDISMLKTGSSLLKEEEEDGQ
EGSIHNLPLVTSQRPFYDGPMPTPRQKPFQSGSTPLHLTHRFMVWNSIGIIRCYNDEQDNAIDVEFHDTSIHHATHLSNT
LNYTIADLSHEAILLACESTDELASKLHCLHFSSWDSSKEWIIDLPQNEDIEAICLGQGWAAAATSALLLRLFTIGGVQK
EVFSLAGPVVSMAGHGEQLFIVYHRGTGFDGDQCLGVQLLELGKKKKQILHGDPLPLTRKSYLAWIGFSAEGTPCYVDSE
GIVRMLNRGLGNTWTPICNTREHCKGKSDHYWVVGIHENPQQLRCIPCKGSRFPPTLPRPAVAILSFKLPYCQIATEKGQ
MEEQFWRSVIFHNHLDYLAKNGYEYEESTKNQATKEQQELLMKMLALSCKLEREFRCVELADLMTQNAVNLAIKYASRSR
KLILAQKLSELAVEKAAELTAT
;
_entity_poly.pdbx_strand_id   A
#
loop_
_chem_comp.id
_chem_comp.type
_chem_comp.name
_chem_comp.formula
MLI non-polymer 'MALONATE ION' 'C3 H2 O4 -2'
#
# COMPACT_ATOMS: atom_id res chain seq x y z
N TYR A 97 39.16 6.20 -8.00
CA TYR A 97 39.07 4.80 -8.38
C TYR A 97 37.94 4.58 -9.38
N ASP A 98 37.88 3.39 -9.96
CA ASP A 98 36.85 3.01 -10.93
C ASP A 98 36.14 1.77 -10.41
N GLY A 99 35.21 1.99 -9.47
CA GLY A 99 34.43 0.90 -8.91
C GLY A 99 33.02 1.34 -8.58
N PRO A 100 32.47 0.82 -7.49
CA PRO A 100 31.12 1.20 -7.10
C PRO A 100 31.07 2.63 -6.58
N MET A 101 30.03 3.36 -6.98
CA MET A 101 29.84 4.75 -6.58
C MET A 101 28.64 4.88 -5.65
N PRO A 102 28.73 5.70 -4.61
CA PRO A 102 27.59 5.88 -3.69
C PRO A 102 26.41 6.49 -4.41
N THR A 103 25.23 5.90 -4.21
CA THR A 103 24.02 6.39 -4.84
C THR A 103 23.46 7.56 -4.03
N PRO A 104 23.14 8.69 -4.67
CA PRO A 104 22.56 9.81 -3.93
C PRO A 104 21.20 9.44 -3.35
N ARG A 105 21.01 9.74 -2.07
CA ARG A 105 19.78 9.41 -1.38
C ARG A 105 18.61 10.22 -1.96
N GLN A 106 17.53 9.53 -2.30
CA GLN A 106 16.37 10.21 -2.85
C GLN A 106 15.70 11.07 -1.78
N LYS A 107 15.08 12.15 -2.23
CA LYS A 107 14.50 13.12 -1.33
C LYS A 107 13.11 12.69 -0.87
N PRO A 108 12.65 13.19 0.28
CA PRO A 108 11.31 12.85 0.75
C PRO A 108 10.23 13.34 -0.20
N PHE A 109 9.10 12.64 -0.18
CA PHE A 109 7.99 12.99 -1.06
C PHE A 109 6.68 12.53 -0.43
N GLN A 110 5.60 13.17 -0.86
CA GLN A 110 4.25 12.75 -0.51
C GLN A 110 3.70 11.89 -1.65
N SER A 111 3.27 10.67 -1.31
CA SER A 111 2.75 9.76 -2.33
C SER A 111 1.49 10.33 -2.96
N GLY A 112 1.42 10.27 -4.28
CA GLY A 112 0.31 10.85 -5.00
C GLY A 112 0.45 12.32 -5.32
N SER A 113 1.68 12.83 -5.36
CA SER A 113 1.94 14.23 -5.67
C SER A 113 2.81 14.34 -6.90
N THR A 114 2.71 15.48 -7.57
CA THR A 114 3.52 15.84 -8.72
C THR A 114 4.56 16.89 -8.31
N PRO A 115 5.67 16.99 -9.05
CA PRO A 115 6.80 17.81 -8.58
C PRO A 115 6.43 19.25 -8.26
N LEU A 116 7.26 19.86 -7.40
CA LEU A 116 6.97 21.21 -6.90
C LEU A 116 7.17 22.28 -7.96
N HIS A 117 8.08 22.07 -8.91
CA HIS A 117 8.38 23.09 -9.91
C HIS A 117 7.22 23.37 -10.85
N LEU A 118 6.20 22.53 -10.86
CA LEU A 118 5.05 22.76 -11.75
C LEU A 118 4.23 23.94 -11.25
N THR A 119 3.73 24.73 -12.20
CA THR A 119 2.85 25.85 -11.84
C THR A 119 1.55 25.36 -11.25
N HIS A 120 0.97 24.32 -11.83
CA HIS A 120 -0.25 23.69 -11.34
C HIS A 120 0.04 22.22 -11.10
N ARG A 121 0.16 21.84 -9.83
CA ARG A 121 0.60 20.50 -9.45
C ARG A 121 -0.42 19.84 -8.54
N PHE A 122 -0.31 18.51 -8.44
CA PHE A 122 -1.08 17.74 -7.47
C PHE A 122 -0.31 17.67 -6.16
N MET A 123 -0.93 18.12 -5.07
CA MET A 123 -0.33 17.94 -3.76
C MET A 123 -0.57 16.53 -3.22
N VAL A 124 -1.75 15.96 -3.51
CA VAL A 124 -2.06 14.59 -3.14
C VAL A 124 -3.28 14.16 -3.93
N TRP A 125 -3.25 12.92 -4.42
CA TRP A 125 -4.38 12.29 -5.10
C TRP A 125 -4.49 10.88 -4.56
N ASN A 126 -5.53 10.63 -3.76
CA ASN A 126 -5.73 9.33 -3.13
C ASN A 126 -7.17 8.88 -3.34
N SER A 127 -7.61 7.92 -2.55
CA SER A 127 -8.97 7.41 -2.65
C SER A 127 -10.01 8.32 -2.00
N ILE A 128 -9.58 9.37 -1.32
CA ILE A 128 -10.52 10.31 -0.70
C ILE A 128 -10.82 11.48 -1.62
N GLY A 129 -9.80 12.03 -2.26
CA GLY A 129 -10.01 13.15 -3.14
C GLY A 129 -8.70 13.65 -3.72
N ILE A 130 -8.75 14.87 -4.26
CA ILE A 130 -7.61 15.48 -4.93
C ILE A 130 -7.34 16.84 -4.30
N ILE A 131 -6.07 17.18 -4.13
CA ILE A 131 -5.65 18.50 -3.66
C ILE A 131 -4.66 19.06 -4.67
N ARG A 132 -5.01 20.18 -5.27
CA ARG A 132 -4.18 20.84 -6.28
C ARG A 132 -3.66 22.16 -5.74
N CYS A 133 -2.47 22.55 -6.20
CA CYS A 133 -1.85 23.81 -5.83
C CYS A 133 -1.43 24.55 -7.09
N TYR A 134 -2.05 25.71 -7.32
CA TYR A 134 -1.66 26.59 -8.42
C TYR A 134 -0.83 27.73 -7.85
N ASN A 135 0.44 27.80 -8.26
CA ASN A 135 1.38 28.76 -7.69
C ASN A 135 2.21 29.36 -8.81
N ASP A 136 2.01 30.66 -9.07
CA ASP A 136 2.91 31.41 -9.92
C ASP A 136 3.53 32.55 -9.11
N GLU A 137 3.68 33.72 -9.72
CA GLU A 137 4.25 34.88 -9.04
C GLU A 137 3.20 35.84 -8.53
N GLN A 138 1.96 35.75 -9.02
CA GLN A 138 0.91 36.68 -8.64
C GLN A 138 0.12 36.22 -7.42
N ASP A 139 -0.30 34.95 -7.42
CA ASP A 139 -1.09 34.41 -6.31
C ASP A 139 -0.76 32.94 -6.13
N ASN A 140 -1.13 32.42 -4.96
CA ASN A 140 -0.93 31.01 -4.62
C ASN A 140 -2.22 30.49 -4.02
N ALA A 141 -2.79 29.46 -4.64
CA ALA A 141 -4.08 28.92 -4.23
C ALA A 141 -4.00 27.41 -4.07
N ILE A 142 -4.78 26.88 -3.14
CA ILE A 142 -4.92 25.45 -2.90
C ILE A 142 -6.39 25.08 -3.03
N ASP A 143 -6.67 24.08 -3.85
CA ASP A 143 -8.03 23.62 -4.09
CA ASP A 143 -8.03 23.62 -4.09
C ASP A 143 -8.17 22.17 -3.65
N VAL A 144 -9.23 21.87 -2.91
CA VAL A 144 -9.50 20.54 -2.40
C VAL A 144 -10.79 20.02 -3.05
N GLU A 145 -10.73 18.80 -3.56
CA GLU A 145 -11.87 18.15 -4.18
C GLU A 145 -12.06 16.77 -3.58
N PHE A 146 -13.31 16.37 -3.39
CA PHE A 146 -13.65 15.05 -2.87
C PHE A 146 -14.35 14.25 -3.96
N HIS A 147 -13.94 12.98 -4.11
CA HIS A 147 -14.58 12.11 -5.09
C HIS A 147 -16.06 11.94 -4.77
N ASP A 148 -16.40 11.82 -3.49
CA ASP A 148 -17.78 11.78 -3.04
C ASP A 148 -18.17 13.18 -2.56
N THR A 149 -19.07 13.83 -3.31
CA THR A 149 -19.50 15.17 -2.95
C THR A 149 -20.21 15.21 -1.61
N SER A 150 -20.80 14.08 -1.18
CA SER A 150 -21.50 14.04 0.10
C SER A 150 -20.57 14.17 1.30
N ILE A 151 -19.28 13.89 1.12
CA ILE A 151 -18.35 13.95 2.25
C ILE A 151 -18.17 15.38 2.72
N HIS A 152 -17.82 16.27 1.80
CA HIS A 152 -17.59 17.67 2.13
C HIS A 152 -17.61 18.49 0.85
N HIS A 153 -17.94 19.76 0.98
CA HIS A 153 -17.95 20.65 -0.17
C HIS A 153 -16.53 20.98 -0.60
N ALA A 154 -16.40 21.44 -1.85
CA ALA A 154 -15.09 21.81 -2.37
C ALA A 154 -14.53 22.99 -1.58
N THR A 155 -13.27 22.87 -1.19
CA THR A 155 -12.61 23.86 -0.34
C THR A 155 -11.51 24.56 -1.13
N HIS A 156 -11.50 25.89 -1.07
CA HIS A 156 -10.49 26.71 -1.73
C HIS A 156 -9.77 27.55 -0.68
N LEU A 157 -8.44 27.46 -0.67
CA LEU A 157 -7.62 28.16 0.30
C LEU A 157 -6.64 29.08 -0.40
N SER A 158 -6.34 30.20 0.25
CA SER A 158 -5.33 31.14 -0.23
C SER A 158 -4.01 30.77 0.44
N ASN A 159 -3.14 30.09 -0.29
CA ASN A 159 -1.89 29.59 0.25
C ASN A 159 -0.93 30.73 0.58
N THR A 160 -1.22 31.47 1.65
CA THR A 160 -0.37 32.59 2.02
C THR A 160 0.98 32.12 2.59
N LEU A 161 0.96 31.04 3.38
CA LEU A 161 2.18 30.53 4.00
C LEU A 161 2.97 29.62 3.08
N ASN A 162 2.52 29.41 1.84
CA ASN A 162 3.21 28.58 0.86
C ASN A 162 3.38 27.14 1.37
N TYR A 163 2.24 26.47 1.56
CA TYR A 163 2.26 25.07 1.93
C TYR A 163 2.72 24.23 0.73
N THR A 164 3.68 23.35 0.96
CA THR A 164 4.21 22.49 -0.09
C THR A 164 3.93 21.01 0.11
N ILE A 165 3.40 20.61 1.27
CA ILE A 165 3.07 19.22 1.54
C ILE A 165 1.61 19.16 1.98
N ALA A 166 0.90 18.12 1.52
CA ALA A 166 -0.51 18.00 1.82
C ALA A 166 -0.92 16.53 1.90
N ASP A 167 -1.93 16.26 2.71
CA ASP A 167 -2.54 14.95 2.78
C ASP A 167 -4.03 15.13 3.05
N LEU A 168 -4.82 14.15 2.64
CA LEU A 168 -6.27 14.25 2.71
C LEU A 168 -6.86 12.94 3.21
N SER A 169 -7.88 13.04 4.05
CA SER A 169 -8.61 11.89 4.57
C SER A 169 -10.07 12.27 4.74
N HIS A 170 -10.88 11.30 5.18
N HIS A 170 -10.89 11.30 5.18
CA HIS A 170 -12.29 11.56 5.43
CA HIS A 170 -12.29 11.57 5.43
C HIS A 170 -12.52 12.43 6.65
C HIS A 170 -12.50 12.53 6.58
N GLU A 171 -11.48 12.73 7.42
CA GLU A 171 -11.60 13.53 8.64
C GLU A 171 -11.13 14.97 8.47
N ALA A 172 -9.95 15.17 7.88
CA ALA A 172 -9.37 16.51 7.86
C ALA A 172 -8.46 16.68 6.64
N ILE A 173 -7.99 17.92 6.48
CA ILE A 173 -6.99 18.27 5.48
C ILE A 173 -5.73 18.68 6.22
N LEU A 174 -4.60 18.06 5.86
CA LEU A 174 -3.33 18.32 6.53
C LEU A 174 -2.40 19.06 5.57
N LEU A 175 -1.83 20.17 6.03
CA LEU A 175 -0.94 21.00 5.24
C LEU A 175 0.30 21.33 6.05
N ALA A 176 1.44 21.47 5.35
CA ALA A 176 2.69 21.76 6.00
C ALA A 176 3.55 22.63 5.11
N CYS A 177 4.38 23.46 5.73
CA CYS A 177 5.31 24.33 5.02
C CYS A 177 6.63 24.38 5.77
N GLU A 178 7.71 24.57 5.02
CA GLU A 178 9.02 24.70 5.64
C GLU A 178 9.17 26.07 6.31
N SER A 179 10.27 26.23 7.03
CA SER A 179 10.53 27.50 7.69
C SER A 179 11.20 28.48 6.74
N THR A 180 11.05 29.76 7.04
CA THR A 180 11.73 30.83 6.34
C THR A 180 12.69 31.53 7.31
N ASP A 181 13.26 32.64 6.86
CA ASP A 181 14.09 33.45 7.75
C ASP A 181 13.27 34.23 8.76
N GLU A 182 11.94 34.25 8.61
CA GLU A 182 11.05 34.96 9.51
C GLU A 182 10.02 34.07 10.18
N LEU A 183 9.57 33.00 9.51
CA LEU A 183 8.55 32.12 10.02
C LEU A 183 9.11 30.73 10.26
N ALA A 184 8.48 30.00 11.18
CA ALA A 184 8.86 28.63 11.47
C ALA A 184 8.10 27.66 10.58
N SER A 185 8.59 26.42 10.54
CA SER A 185 7.87 25.36 9.85
C SER A 185 6.56 25.09 10.57
N LYS A 186 5.46 25.02 9.81
CA LYS A 186 4.13 24.97 10.38
C LYS A 186 3.39 23.73 9.89
N LEU A 187 2.58 23.14 10.78
CA LEU A 187 1.67 22.07 10.44
C LEU A 187 0.25 22.58 10.61
N HIS A 188 -0.52 22.57 9.52
CA HIS A 188 -1.86 23.14 9.49
C HIS A 188 -2.86 22.04 9.20
N CYS A 189 -3.91 21.97 10.02
CA CYS A 189 -4.95 20.95 9.89
C CYS A 189 -6.30 21.62 9.77
N LEU A 190 -7.04 21.28 8.72
CA LEU A 190 -8.40 21.76 8.51
C LEU A 190 -9.34 20.63 8.88
N HIS A 191 -9.75 20.61 10.15
CA HIS A 191 -10.58 19.53 10.70
C HIS A 191 -12.04 19.79 10.32
N PHE A 192 -12.35 19.53 9.05
CA PHE A 192 -13.68 19.87 8.54
C PHE A 192 -14.77 18.95 9.08
N SER A 193 -14.41 17.73 9.45
CA SER A 193 -15.39 16.78 9.97
C SER A 193 -15.70 16.97 11.45
N SER A 194 -15.10 17.97 12.09
CA SER A 194 -15.32 18.19 13.51
C SER A 194 -16.76 18.60 13.78
N TRP A 195 -17.30 18.12 14.89
CA TRP A 195 -18.67 18.44 15.29
C TRP A 195 -18.76 19.71 16.13
N ASP A 196 -17.66 20.41 16.35
CA ASP A 196 -17.66 21.66 17.10
C ASP A 196 -17.39 22.83 16.16
N SER A 197 -17.33 24.03 16.74
CA SER A 197 -17.18 25.26 15.97
C SER A 197 -15.74 25.62 15.69
N SER A 198 -14.78 24.79 16.09
CA SER A 198 -13.35 25.04 15.85
C SER A 198 -12.85 23.97 14.88
N LYS A 199 -12.77 24.32 13.60
CA LYS A 199 -12.38 23.38 12.55
C LYS A 199 -11.02 23.76 11.94
N GLU A 200 -10.08 24.18 12.79
CA GLU A 200 -8.78 24.61 12.30
C GLU A 200 -7.80 24.68 13.47
N TRP A 201 -6.56 24.26 13.23
CA TRP A 201 -5.48 24.48 14.18
C TRP A 201 -4.16 24.42 13.44
N ILE A 202 -3.17 25.14 13.97
CA ILE A 202 -1.84 25.21 13.39
C ILE A 202 -0.83 25.24 14.53
N ILE A 203 0.35 24.67 14.30
CA ILE A 203 1.40 24.60 15.30
C ILE A 203 2.73 24.88 14.64
N ASP A 204 3.62 25.54 15.39
CA ASP A 204 4.95 25.89 14.91
C ASP A 204 5.97 24.91 15.47
N LEU A 205 6.82 24.40 14.60
CA LEU A 205 7.94 23.57 15.03
C LEU A 205 9.02 24.44 15.65
N PRO A 206 9.90 23.85 16.48
CA PRO A 206 10.98 24.64 17.08
C PRO A 206 11.91 25.23 16.04
N GLN A 207 12.83 26.07 16.51
CA GLN A 207 13.75 26.77 15.63
C GLN A 207 14.60 25.78 14.85
N ASN A 208 14.75 26.05 13.54
CA ASN A 208 15.60 25.27 12.64
C ASN A 208 15.13 23.84 12.45
N GLU A 209 13.86 23.56 12.70
CA GLU A 209 13.27 22.25 12.46
C GLU A 209 12.23 22.38 11.34
N ASP A 210 12.40 21.59 10.29
CA ASP A 210 11.55 21.68 9.10
C ASP A 210 10.80 20.37 8.89
N ILE A 211 9.51 20.49 8.56
CA ILE A 211 8.71 19.32 8.24
C ILE A 211 9.13 18.78 6.87
N GLU A 212 9.42 17.47 6.83
CA GLU A 212 9.83 16.82 5.59
C GLU A 212 8.79 15.87 5.01
N ALA A 213 7.88 15.35 5.84
CA ALA A 213 6.83 14.45 5.37
C ALA A 213 5.72 14.42 6.41
N ILE A 214 4.50 14.21 5.92
CA ILE A 214 3.31 14.12 6.77
C ILE A 214 2.47 12.94 6.30
N CYS A 215 1.52 12.55 7.14
CA CYS A 215 0.55 11.51 6.79
C CYS A 215 -0.61 11.59 7.78
N LEU A 216 -1.78 11.14 7.33
CA LEU A 216 -2.99 11.16 8.13
C LEU A 216 -3.42 9.73 8.45
N GLY A 217 -3.71 9.48 9.73
CA GLY A 217 -4.32 8.26 10.17
C GLY A 217 -5.76 8.47 10.65
N GLN A 218 -6.29 7.44 11.29
CA GLN A 218 -7.63 7.51 11.86
C GLN A 218 -7.55 8.29 13.18
N GLY A 219 -7.93 9.56 13.14
CA GLY A 219 -7.94 10.39 14.33
C GLY A 219 -6.59 10.91 14.77
N TRP A 220 -5.56 10.76 13.95
CA TRP A 220 -4.23 11.25 14.31
C TRP A 220 -3.50 11.69 13.06
N ALA A 221 -2.41 12.43 13.28
CA ALA A 221 -1.53 12.89 12.22
C ALA A 221 -0.09 12.79 12.67
N ALA A 222 0.81 12.56 11.72
CA ALA A 222 2.22 12.40 12.00
C ALA A 222 3.03 13.29 11.07
N ALA A 223 4.18 13.75 11.57
CA ALA A 223 5.07 14.63 10.81
C ALA A 223 6.51 14.23 11.09
N ALA A 224 7.25 13.91 10.03
CA ALA A 224 8.68 13.63 10.12
C ALA A 224 9.44 14.91 9.80
N THR A 225 10.39 15.27 10.66
CA THR A 225 11.04 16.57 10.60
C THR A 225 12.52 16.41 10.28
N SER A 226 13.14 17.56 9.97
CA SER A 226 14.56 17.60 9.64
C SER A 226 15.46 17.29 10.83
N ALA A 227 14.91 17.29 12.05
CA ALA A 227 15.66 16.93 13.24
C ALA A 227 15.64 15.42 13.49
N LEU A 228 15.27 14.63 12.48
CA LEU A 228 15.12 13.18 12.61
C LEU A 228 14.16 12.82 13.74
N LEU A 229 13.06 13.56 13.82
CA LEU A 229 12.02 13.34 14.81
C LEU A 229 10.71 13.01 14.11
N LEU A 230 9.92 12.14 14.74
CA LEU A 230 8.56 11.89 14.33
C LEU A 230 7.62 12.41 15.42
N ARG A 231 6.76 13.35 15.07
CA ARG A 231 5.84 13.98 16.00
C ARG A 231 4.43 13.49 15.71
N LEU A 232 3.76 13.00 16.74
CA LEU A 232 2.39 12.53 16.63
C LEU A 232 1.42 13.59 17.16
N PHE A 233 0.32 13.76 16.45
CA PHE A 233 -0.72 14.71 16.84
C PHE A 233 -2.08 14.04 16.72
N THR A 234 -2.98 14.36 17.65
CA THR A 234 -4.37 14.00 17.44
C THR A 234 -4.96 14.89 16.35
N ILE A 235 -6.06 14.41 15.74
CA ILE A 235 -6.68 15.17 14.67
C ILE A 235 -7.23 16.49 15.17
N GLY A 236 -7.40 16.64 16.47
CA GLY A 236 -7.86 17.86 17.09
C GLY A 236 -6.77 18.81 17.55
N GLY A 237 -5.51 18.40 17.50
CA GLY A 237 -4.40 19.29 17.78
C GLY A 237 -3.57 18.96 19.00
N VAL A 238 -3.86 17.87 19.70
CA VAL A 238 -3.08 17.50 20.88
C VAL A 238 -1.77 16.86 20.44
N GLN A 239 -0.67 17.30 21.03
CA GLN A 239 0.64 16.70 20.76
C GLN A 239 0.75 15.38 21.49
N LYS A 240 0.99 14.29 20.74
CA LYS A 240 1.13 12.98 21.34
C LYS A 240 2.61 12.64 21.55
N GLU A 241 2.97 11.38 21.36
CA GLU A 241 4.34 10.95 21.61
C GLU A 241 5.28 11.44 20.53
N VAL A 242 6.57 11.46 20.86
CA VAL A 242 7.64 11.83 19.94
C VAL A 242 8.76 10.82 20.08
N PHE A 243 9.32 10.38 18.95
CA PHE A 243 10.49 9.50 18.97
C PHE A 243 11.39 9.83 17.79
N SER A 244 12.63 9.37 17.88
CA SER A 244 13.66 9.68 16.89
C SER A 244 13.64 8.67 15.75
N LEU A 245 13.96 9.15 14.55
CA LEU A 245 14.04 8.31 13.37
C LEU A 245 15.47 7.85 13.15
N ALA A 246 15.62 6.60 12.68
CA ALA A 246 16.95 6.05 12.46
C ALA A 246 17.64 6.65 11.24
N GLY A 247 16.91 7.37 10.39
CA GLY A 247 17.50 8.00 9.23
C GLY A 247 16.55 9.00 8.61
N PRO A 248 17.02 9.74 7.59
CA PRO A 248 16.16 10.70 6.92
C PRO A 248 14.95 10.03 6.28
N VAL A 249 13.77 10.63 6.49
CA VAL A 249 12.54 10.04 5.99
C VAL A 249 12.47 10.14 4.47
N VAL A 250 11.84 9.16 3.85
CA VAL A 250 11.59 9.15 2.42
C VAL A 250 10.11 9.39 2.12
N SER A 251 9.22 8.65 2.79
CA SER A 251 7.79 8.85 2.63
C SER A 251 7.08 8.27 3.84
N MET A 252 5.84 8.70 4.05
CA MET A 252 5.09 8.34 5.23
C MET A 252 3.63 8.16 4.88
N ALA A 253 3.01 7.12 5.43
CA ALA A 253 1.61 6.83 5.18
C ALA A 253 0.95 6.33 6.45
N GLY A 254 -0.36 6.50 6.52
CA GLY A 254 -1.11 6.09 7.70
C GLY A 254 -2.45 5.49 7.31
N HIS A 255 -2.94 4.61 8.17
CA HIS A 255 -4.24 3.97 7.96
C HIS A 255 -4.69 3.38 9.27
N GLY A 256 -5.86 3.80 9.75
CA GLY A 256 -6.34 3.32 11.03
C GLY A 256 -5.38 3.69 12.15
N GLU A 257 -4.82 2.67 12.80
CA GLU A 257 -3.81 2.86 13.83
C GLU A 257 -2.40 2.55 13.34
N GLN A 258 -2.24 2.26 12.06
CA GLN A 258 -0.94 1.86 11.51
C GLN A 258 -0.18 3.06 10.98
N LEU A 259 1.13 3.08 11.26
CA LEU A 259 2.04 4.11 10.75
C LEU A 259 3.10 3.43 9.91
N PHE A 260 3.23 3.88 8.66
CA PHE A 260 4.10 3.27 7.66
C PHE A 260 5.19 4.28 7.31
N ILE A 261 6.41 4.04 7.76
CA ILE A 261 7.54 4.95 7.57
C ILE A 261 8.60 4.25 6.74
N VAL A 262 9.06 4.91 5.68
CA VAL A 262 10.19 4.45 4.90
C VAL A 262 11.27 5.51 4.98
N TYR A 263 12.49 5.08 5.30
CA TYR A 263 13.59 6.01 5.53
C TYR A 263 14.88 5.40 4.97
N HIS A 264 15.93 6.21 4.97
CA HIS A 264 17.25 5.76 4.55
C HIS A 264 17.95 5.08 5.73
N ARG A 265 18.13 3.77 5.62
CA ARG A 265 18.87 3.01 6.62
C ARG A 265 20.37 2.94 6.32
N GLY A 266 20.79 3.40 5.16
CA GLY A 266 22.19 3.36 4.80
C GLY A 266 22.42 4.07 3.49
N THR A 267 23.54 3.75 2.85
CA THR A 267 23.93 4.33 1.58
C THR A 267 24.12 3.22 0.56
N GLY A 268 23.31 3.23 -0.49
CA GLY A 268 23.44 2.24 -1.54
C GLY A 268 24.51 2.60 -2.55
N PHE A 269 24.78 1.65 -3.45
CA PHE A 269 25.81 1.81 -4.46
C PHE A 269 25.27 1.38 -5.82
N ASP A 270 25.82 1.98 -6.87
CA ASP A 270 25.49 1.65 -8.26
C ASP A 270 23.99 1.80 -8.53
N GLY A 271 23.44 2.95 -8.15
CA GLY A 271 22.06 3.26 -8.41
C GLY A 271 21.06 2.69 -7.44
N ASP A 272 21.48 1.83 -6.51
CA ASP A 272 20.55 1.23 -5.57
C ASP A 272 20.36 2.14 -4.36
N GLN A 273 19.12 2.19 -3.88
CA GLN A 273 18.83 2.83 -2.61
C GLN A 273 19.02 1.84 -1.47
N CYS A 274 19.16 2.37 -0.26
CA CYS A 274 19.29 1.57 0.96
C CYS A 274 18.19 2.04 1.92
N LEU A 275 17.00 1.45 1.78
CA LEU A 275 15.82 1.91 2.47
C LEU A 275 15.39 0.93 3.56
N GLY A 276 14.86 1.46 4.65
CA GLY A 276 14.31 0.64 5.70
C GLY A 276 12.89 1.08 6.04
N VAL A 277 12.11 0.13 6.55
CA VAL A 277 10.70 0.36 6.85
C VAL A 277 10.48 0.20 8.35
N GLN A 278 9.82 1.18 8.96
CA GLN A 278 9.39 1.11 10.35
C GLN A 278 7.86 1.15 10.36
N LEU A 279 7.24 0.04 10.77
CA LEU A 279 5.79 -0.11 10.77
C LEU A 279 5.31 -0.19 12.21
N LEU A 280 4.51 0.79 12.62
CA LEU A 280 4.02 0.88 13.99
C LEU A 280 2.49 0.80 14.02
N GLU A 281 1.97 0.26 15.11
CA GLU A 281 0.54 0.28 15.41
C GLU A 281 0.34 1.12 16.65
N LEU A 282 -0.40 2.23 16.52
CA LEU A 282 -0.49 3.25 17.55
C LEU A 282 -1.79 3.18 18.34
N GLY A 283 -2.32 1.97 18.54
CA GLY A 283 -3.50 1.82 19.37
C GLY A 283 -3.19 1.95 20.85
N LYS A 284 -4.06 1.45 21.71
CA LYS A 284 -3.81 1.55 23.14
C LYS A 284 -2.64 0.68 23.58
N LYS A 285 -2.30 -0.35 22.81
CA LYS A 285 -1.11 -1.16 23.04
C LYS A 285 -0.15 -0.89 21.88
N LYS A 286 0.86 -0.05 22.13
CA LYS A 286 1.79 0.33 21.08
C LYS A 286 2.67 -0.85 20.68
N LYS A 287 2.79 -1.06 19.37
CA LYS A 287 3.57 -2.15 18.82
C LYS A 287 4.42 -1.63 17.66
N GLN A 288 5.68 -2.04 17.63
CA GLN A 288 6.56 -1.80 16.48
C GLN A 288 6.62 -3.11 15.69
N ILE A 289 5.83 -3.19 14.63
CA ILE A 289 5.73 -4.43 13.87
C ILE A 289 7.03 -4.72 13.13
N LEU A 290 7.64 -3.68 12.54
CA LEU A 290 8.88 -3.83 11.80
C LEU A 290 9.93 -2.88 12.40
N HIS A 291 11.00 -3.45 12.94
CA HIS A 291 12.06 -2.66 13.57
C HIS A 291 13.12 -2.25 12.54
N GLY A 292 12.68 -1.49 11.55
CA GLY A 292 13.59 -1.04 10.52
C GLY A 292 14.06 -2.13 9.58
N ASP A 293 13.13 -2.99 9.13
CA ASP A 293 13.49 -4.04 8.20
C ASP A 293 13.94 -3.43 6.87
N PRO A 294 14.83 -4.10 6.14
CA PRO A 294 15.24 -3.58 4.82
C PRO A 294 14.08 -3.66 3.85
N LEU A 295 13.86 -2.57 3.11
CA LEU A 295 12.76 -2.49 2.16
C LEU A 295 13.21 -3.04 0.82
N PRO A 296 12.67 -4.16 0.35
CA PRO A 296 13.10 -4.70 -0.95
C PRO A 296 12.70 -3.79 -2.08
N LEU A 297 13.65 -3.55 -2.99
CA LEU A 297 13.42 -2.74 -4.19
C LEU A 297 14.04 -3.43 -5.40
N THR A 298 13.47 -3.15 -6.56
CA THR A 298 14.10 -3.57 -7.81
C THR A 298 15.47 -2.90 -7.93
N ARG A 299 16.43 -3.63 -8.48
CA ARG A 299 17.78 -3.10 -8.61
C ARG A 299 17.80 -1.83 -9.43
N LYS A 300 18.59 -0.85 -8.97
CA LYS A 300 18.74 0.45 -9.62
C LYS A 300 17.42 1.22 -9.69
N SER A 301 16.52 0.97 -8.75
CA SER A 301 15.25 1.66 -8.69
C SER A 301 15.14 2.43 -7.38
N TYR A 302 14.26 3.43 -7.38
CA TYR A 302 13.96 4.22 -6.19
C TYR A 302 12.48 4.07 -5.84
N LEU A 303 12.13 4.55 -4.64
CA LEU A 303 10.76 4.47 -4.16
C LEU A 303 9.90 5.51 -4.86
N ALA A 304 8.76 5.06 -5.41
CA ALA A 304 7.89 5.94 -6.16
C ALA A 304 6.57 6.25 -5.46
N TRP A 305 6.06 5.34 -4.64
CA TRP A 305 4.76 5.50 -4.02
C TRP A 305 4.64 4.51 -2.88
N ILE A 306 4.12 4.96 -1.74
CA ILE A 306 3.77 4.09 -0.63
C ILE A 306 2.36 4.44 -0.18
N GLY A 307 1.82 3.58 0.69
CA GLY A 307 0.49 3.79 1.20
C GLY A 307 -0.09 2.47 1.68
N PHE A 308 -1.40 2.52 1.95
CA PHE A 308 -2.15 1.35 2.37
C PHE A 308 -3.26 1.07 1.34
N SER A 309 -3.60 -0.20 1.19
CA SER A 309 -4.82 -0.53 0.49
C SER A 309 -6.01 -0.02 1.28
N ALA A 310 -7.15 0.09 0.61
CA ALA A 310 -8.37 0.53 1.29
C ALA A 310 -8.71 -0.38 2.46
N GLU A 311 -8.30 -1.65 2.40
CA GLU A 311 -8.54 -2.59 3.47
C GLU A 311 -7.51 -2.50 4.59
N GLY A 312 -6.40 -1.80 4.36
CA GLY A 312 -5.45 -1.53 5.43
C GLY A 312 -4.16 -2.31 5.39
N THR A 313 -3.72 -2.71 4.20
CA THR A 313 -2.47 -3.45 4.08
C THR A 313 -1.40 -2.56 3.45
N PRO A 314 -0.21 -2.48 4.05
CA PRO A 314 0.85 -1.63 3.49
C PRO A 314 1.25 -2.10 2.10
N CYS A 315 1.44 -1.13 1.20
CA CYS A 315 1.87 -1.41 -0.16
C CYS A 315 2.80 -0.30 -0.62
N TYR A 316 3.63 -0.61 -1.61
CA TYR A 316 4.50 0.42 -2.17
C TYR A 316 4.89 0.03 -3.60
N VAL A 317 5.28 1.04 -4.37
CA VAL A 317 5.66 0.89 -5.77
C VAL A 317 7.03 1.52 -5.97
N ASP A 318 7.90 0.83 -6.71
CA ASP A 318 9.20 1.37 -7.04
C ASP A 318 9.18 1.99 -8.44
N SER A 319 10.29 2.60 -8.83
CA SER A 319 10.36 3.31 -10.11
C SER A 319 10.35 2.38 -11.31
N GLU A 320 10.46 1.06 -11.11
CA GLU A 320 10.40 0.10 -12.19
C GLU A 320 9.00 -0.51 -12.35
N GLY A 321 8.00 0.11 -11.75
CA GLY A 321 6.63 -0.35 -11.88
C GLY A 321 6.25 -1.56 -11.06
N ILE A 322 7.13 -2.02 -10.18
CA ILE A 322 6.85 -3.20 -9.37
C ILE A 322 6.05 -2.77 -8.14
N VAL A 323 4.86 -3.35 -7.98
CA VAL A 323 3.99 -3.08 -6.84
C VAL A 323 4.12 -4.23 -5.86
N ARG A 324 4.47 -3.91 -4.62
CA ARG A 324 4.64 -4.91 -3.58
C ARG A 324 3.66 -4.66 -2.44
N MET A 325 3.27 -5.74 -1.77
CA MET A 325 2.29 -5.70 -0.70
C MET A 325 2.77 -6.55 0.46
N LEU A 326 2.55 -6.08 1.68
CA LEU A 326 2.91 -6.84 2.86
C LEU A 326 2.12 -8.14 2.89
N ASN A 327 2.81 -9.25 3.15
CA ASN A 327 2.21 -10.58 3.20
C ASN A 327 2.14 -10.98 4.68
N ARG A 328 1.01 -10.64 5.32
CA ARG A 328 0.85 -10.94 6.74
C ARG A 328 0.84 -12.44 6.99
N GLY A 329 0.38 -13.23 6.02
CA GLY A 329 0.38 -14.67 6.13
C GLY A 329 1.69 -15.34 5.80
N LEU A 330 2.75 -14.58 5.60
CA LEU A 330 4.07 -15.11 5.24
C LEU A 330 5.14 -14.40 6.06
N GLY A 331 4.91 -14.30 7.37
CA GLY A 331 5.90 -13.70 8.26
C GLY A 331 6.21 -12.24 7.99
N ASN A 332 5.24 -11.48 7.48
CA ASN A 332 5.40 -10.06 7.18
C ASN A 332 6.52 -9.81 6.17
N THR A 333 6.60 -10.68 5.16
CA THR A 333 7.45 -10.43 4.01
C THR A 333 6.70 -9.56 3.00
N TRP A 334 7.37 -9.20 1.92
CA TRP A 334 6.79 -8.35 0.88
C TRP A 334 6.67 -9.14 -0.41
N THR A 335 5.46 -9.20 -0.95
CA THR A 335 5.17 -9.99 -2.14
C THR A 335 4.79 -9.09 -3.31
N PRO A 336 5.41 -9.26 -4.47
CA PRO A 336 4.99 -8.48 -5.65
C PRO A 336 3.61 -8.90 -6.11
N ILE A 337 2.73 -7.91 -6.29
CA ILE A 337 1.35 -8.18 -6.71
C ILE A 337 1.02 -7.60 -8.07
N CYS A 338 1.92 -6.83 -8.69
CA CYS A 338 1.67 -6.27 -10.01
C CYS A 338 2.97 -5.78 -10.61
N ASN A 339 2.96 -5.63 -11.93
CA ASN A 339 4.08 -5.05 -12.67
C ASN A 339 3.47 -4.15 -13.75
N THR A 340 3.42 -2.84 -13.47
CA THR A 340 2.76 -1.91 -14.39
C THR A 340 3.49 -1.79 -15.72
N ARG A 341 4.74 -2.24 -15.80
CA ARG A 341 5.46 -2.21 -17.07
C ARG A 341 4.87 -3.18 -18.08
N GLU A 342 4.20 -4.24 -17.62
CA GLU A 342 3.54 -5.15 -18.56
C GLU A 342 2.42 -4.48 -19.32
N HIS A 343 1.84 -3.40 -18.77
CA HIS A 343 0.79 -2.66 -19.45
C HIS A 343 1.33 -1.47 -20.24
N CYS A 344 2.62 -1.19 -20.16
CA CYS A 344 3.23 -0.10 -20.90
C CYS A 344 3.72 -0.60 -22.25
N LYS A 345 3.71 0.31 -23.23
CA LYS A 345 4.13 -0.03 -24.59
C LYS A 345 5.54 0.44 -24.92
N GLY A 346 6.08 1.40 -24.16
CA GLY A 346 7.42 1.90 -24.43
C GLY A 346 8.13 2.28 -23.15
N LYS A 347 9.40 2.66 -23.30
CA LYS A 347 10.20 3.05 -22.15
C LYS A 347 9.66 4.32 -21.50
N SER A 348 9.17 5.26 -22.32
CA SER A 348 8.70 6.54 -21.82
C SER A 348 7.30 6.48 -21.21
N ASP A 349 6.61 5.35 -21.32
CA ASP A 349 5.28 5.21 -20.73
C ASP A 349 5.40 4.73 -19.30
N HIS A 350 4.54 5.27 -18.43
CA HIS A 350 4.55 4.95 -17.01
C HIS A 350 3.13 4.96 -16.48
N TYR A 351 2.96 4.41 -15.28
CA TYR A 351 1.69 4.44 -14.56
C TYR A 351 1.90 5.13 -13.22
N TRP A 352 0.96 5.99 -12.88
CA TRP A 352 1.05 6.84 -11.68
C TRP A 352 -0.01 6.36 -10.70
N VAL A 353 0.43 5.61 -9.68
CA VAL A 353 -0.50 4.92 -8.78
C VAL A 353 -1.25 5.93 -7.93
N VAL A 354 -2.56 5.70 -7.79
CA VAL A 354 -3.43 6.53 -6.97
C VAL A 354 -3.92 5.78 -5.74
N GLY A 355 -4.40 4.55 -5.93
CA GLY A 355 -4.90 3.77 -4.81
C GLY A 355 -4.86 2.30 -5.12
N ILE A 356 -4.96 1.49 -4.06
CA ILE A 356 -4.95 0.05 -4.15
C ILE A 356 -6.15 -0.50 -3.40
N HIS A 357 -6.90 -1.40 -4.03
CA HIS A 357 -8.09 -2.00 -3.44
C HIS A 357 -8.00 -3.51 -3.54
N GLU A 358 -8.31 -4.19 -2.43
CA GLU A 358 -8.20 -5.64 -2.35
C GLU A 358 -9.51 -6.36 -2.63
N ASN A 359 -10.66 -5.74 -2.35
CA ASN A 359 -11.96 -6.37 -2.56
C ASN A 359 -12.96 -5.27 -2.94
N PRO A 360 -13.27 -5.15 -4.25
CA PRO A 360 -12.72 -5.94 -5.36
C PRO A 360 -11.29 -5.56 -5.71
N GLN A 361 -10.54 -6.50 -6.28
CA GLN A 361 -9.15 -6.27 -6.63
C GLN A 361 -9.06 -5.27 -7.77
N GLN A 362 -8.37 -4.16 -7.55
CA GLN A 362 -8.13 -3.19 -8.61
C GLN A 362 -7.01 -2.24 -8.18
N LEU A 363 -6.12 -1.94 -9.12
CA LEU A 363 -5.03 -0.98 -8.92
C LEU A 363 -5.40 0.29 -9.69
N ARG A 364 -5.84 1.31 -8.96
CA ARG A 364 -6.24 2.57 -9.59
CA ARG A 364 -6.24 2.56 -9.59
C ARG A 364 -5.01 3.43 -9.82
N CYS A 365 -4.74 3.73 -11.09
CA CYS A 365 -3.57 4.53 -11.45
C CYS A 365 -3.89 5.35 -12.70
N ILE A 366 -3.01 6.31 -12.98
CA ILE A 366 -3.15 7.21 -14.11
C ILE A 366 -2.12 6.82 -15.17
N PRO A 367 -2.54 6.45 -16.38
CA PRO A 367 -1.57 6.18 -17.44
C PRO A 367 -0.90 7.47 -17.89
N CYS A 368 0.43 7.44 -17.99
CA CYS A 368 1.21 8.61 -18.35
C CYS A 368 2.09 8.28 -19.55
N LYS A 369 1.97 9.07 -20.60
CA LYS A 369 2.71 8.88 -21.84
C LYS A 369 3.74 9.99 -21.98
N GLY A 370 5.01 9.64 -21.84
CA GLY A 370 6.10 10.57 -21.98
C GLY A 370 6.76 10.98 -20.67
N SER A 371 6.09 10.78 -19.54
CA SER A 371 6.64 11.16 -18.25
C SER A 371 6.15 10.17 -17.20
N ARG A 372 6.60 10.38 -15.96
CA ARG A 372 6.21 9.53 -14.84
C ARG A 372 5.02 10.04 -14.07
N PHE A 373 4.64 11.31 -14.27
CA PHE A 373 3.49 11.90 -13.58
C PHE A 373 2.58 12.57 -14.60
N PRO A 374 1.27 12.58 -14.34
CA PRO A 374 0.34 13.17 -15.29
C PRO A 374 0.26 14.69 -15.10
N PRO A 375 -0.02 15.43 -16.17
CA PRO A 375 -0.25 16.86 -16.02
C PRO A 375 -1.56 17.13 -15.30
N THR A 376 -1.62 18.27 -14.63
CA THR A 376 -2.81 18.61 -13.84
C THR A 376 -4.01 18.86 -14.74
N LEU A 377 -3.80 19.53 -15.87
CA LEU A 377 -4.89 19.84 -16.79
C LEU A 377 -4.56 19.35 -18.19
N PRO A 378 -5.53 18.71 -18.88
CA PRO A 378 -6.87 18.44 -18.38
C PRO A 378 -6.91 17.31 -17.35
N ARG A 379 -8.03 17.14 -16.68
CA ARG A 379 -8.17 16.13 -15.64
C ARG A 379 -7.84 14.74 -16.20
N PRO A 380 -6.82 14.06 -15.68
CA PRO A 380 -6.51 12.72 -16.18
C PRO A 380 -7.57 11.70 -15.77
N ALA A 381 -7.70 10.67 -16.59
CA ALA A 381 -8.64 9.60 -16.32
C ALA A 381 -7.98 8.49 -15.53
N VAL A 382 -8.68 7.99 -14.51
CA VAL A 382 -8.15 6.94 -13.65
C VAL A 382 -8.35 5.60 -14.34
N ALA A 383 -7.26 4.88 -14.58
CA ALA A 383 -7.32 3.54 -15.15
C ALA A 383 -7.36 2.50 -14.03
N ILE A 384 -7.88 1.32 -14.37
CA ILE A 384 -8.00 0.22 -13.43
C ILE A 384 -7.20 -0.95 -14.00
N LEU A 385 -6.06 -1.24 -13.37
CA LEU A 385 -5.24 -2.38 -13.75
C LEU A 385 -5.52 -3.55 -12.83
N SER A 386 -5.34 -4.75 -13.38
CA SER A 386 -5.50 -5.98 -12.59
C SER A 386 -4.18 -6.35 -11.93
N PHE A 387 -4.28 -7.07 -10.82
CA PHE A 387 -3.11 -7.58 -10.11
C PHE A 387 -2.70 -8.92 -10.69
N LYS A 388 -1.38 -9.13 -10.78
CA LYS A 388 -0.84 -10.38 -11.31
C LYS A 388 0.47 -10.66 -10.59
N LEU A 389 0.48 -11.74 -9.81
CA LEU A 389 1.71 -12.13 -9.13
C LEU A 389 2.68 -12.75 -10.13
N PRO A 390 3.99 -12.51 -9.97
CA PRO A 390 4.97 -12.94 -10.99
C PRO A 390 5.29 -14.43 -10.94
N TYR A 391 4.32 -15.25 -11.35
CA TYR A 391 4.48 -16.70 -11.31
C TYR A 391 4.99 -17.23 -12.65
N CYS A 392 5.60 -18.41 -12.59
CA CYS A 392 6.21 -19.01 -13.75
C CYS A 392 5.19 -19.74 -14.61
N GLN A 393 5.43 -19.74 -15.92
CA GLN A 393 4.60 -20.45 -16.89
C GLN A 393 3.12 -20.12 -16.72
N ILE A 394 2.85 -18.82 -16.58
CA ILE A 394 1.48 -18.36 -16.35
C ILE A 394 0.58 -18.55 -17.56
N ALA A 395 1.15 -18.83 -18.73
CA ALA A 395 0.34 -19.12 -19.90
C ALA A 395 -0.28 -20.51 -19.84
N THR A 396 0.31 -21.43 -19.07
CA THR A 396 -0.24 -22.77 -18.92
C THR A 396 -1.41 -22.75 -17.93
N GLU A 397 -2.21 -23.81 -17.99
CA GLU A 397 -3.35 -23.92 -17.09
C GLU A 397 -2.89 -24.08 -15.64
N LYS A 398 -1.81 -24.82 -15.42
CA LYS A 398 -1.29 -24.98 -14.06
C LYS A 398 -0.79 -23.67 -13.49
N GLY A 399 0.05 -22.95 -14.24
CA GLY A 399 0.57 -21.69 -13.75
C GLY A 399 -0.50 -20.63 -13.60
N GLN A 400 -1.49 -20.63 -14.49
CA GLN A 400 -2.59 -19.67 -14.40
C GLN A 400 -3.38 -19.88 -13.11
N MET A 401 -3.74 -21.14 -12.81
CA MET A 401 -4.52 -21.41 -11.61
C MET A 401 -3.69 -21.22 -10.35
N GLU A 402 -2.39 -21.51 -10.41
CA GLU A 402 -1.54 -21.29 -9.24
C GLU A 402 -1.42 -19.81 -8.91
N GLU A 403 -1.35 -18.96 -9.94
CA GLU A 403 -1.33 -17.52 -9.70
C GLU A 403 -2.65 -17.05 -9.12
N GLN A 404 -3.77 -17.55 -9.63
CA GLN A 404 -5.07 -17.14 -9.12
C GLN A 404 -5.25 -17.57 -7.66
N PHE A 405 -4.72 -18.75 -7.30
CA PHE A 405 -4.87 -19.25 -5.94
C PHE A 405 -4.12 -18.36 -4.95
N TRP A 406 -2.84 -18.10 -5.23
CA TRP A 406 -2.03 -17.34 -4.27
C TRP A 406 -2.39 -15.86 -4.28
N ARG A 407 -2.89 -15.34 -5.40
CA ARG A 407 -3.43 -13.98 -5.39
C ARG A 407 -4.67 -13.90 -4.50
N SER A 408 -5.52 -14.93 -4.55
CA SER A 408 -6.68 -14.96 -3.67
C SER A 408 -6.28 -15.08 -2.21
N VAL A 409 -5.20 -15.82 -1.94
CA VAL A 409 -4.77 -16.02 -0.56
C VAL A 409 -4.26 -14.72 0.04
N ILE A 410 -3.40 -14.01 -0.69
CA ILE A 410 -2.76 -12.82 -0.12
C ILE A 410 -3.75 -11.65 -0.03
N PHE A 411 -4.73 -11.59 -0.94
CA PHE A 411 -5.69 -10.50 -0.95
C PHE A 411 -6.87 -10.73 -0.01
N HIS A 412 -6.79 -11.75 0.84
CA HIS A 412 -7.78 -11.98 1.87
C HIS A 412 -7.16 -12.13 3.25
N ASN A 413 -5.84 -11.94 3.36
CA ASN A 413 -5.19 -11.88 4.67
C ASN A 413 -5.71 -10.70 5.49
N HIS A 414 -6.19 -9.64 4.83
CA HIS A 414 -6.69 -8.47 5.55
C HIS A 414 -7.90 -8.81 6.40
N LEU A 415 -8.68 -9.83 6.02
CA LEU A 415 -9.83 -10.22 6.82
C LEU A 415 -9.38 -10.74 8.18
N ASP A 416 -8.31 -11.54 8.21
CA ASP A 416 -7.78 -12.01 9.48
C ASP A 416 -7.23 -10.85 10.31
N TYR A 417 -6.61 -9.87 9.64
CA TYR A 417 -6.08 -8.71 10.37
C TYR A 417 -7.21 -7.89 10.98
N LEU A 418 -8.30 -7.68 10.23
CA LEU A 418 -9.45 -6.97 10.79
C LEU A 418 -10.06 -7.74 11.96
N ALA A 419 -10.02 -9.07 11.91
CA ALA A 419 -10.59 -9.87 12.99
C ALA A 419 -9.71 -9.83 14.24
N LYS A 420 -8.38 -9.96 14.06
CA LYS A 420 -7.49 -9.98 15.20
C LYS A 420 -7.48 -8.65 15.95
N ASN A 421 -7.75 -7.54 15.25
CA ASN A 421 -7.74 -6.21 15.84
C ASN A 421 -9.15 -5.69 16.11
N GLY A 422 -10.13 -6.58 16.23
CA GLY A 422 -11.48 -6.18 16.56
C GLY A 422 -12.21 -5.36 15.53
N TYR A 423 -11.62 -5.15 14.34
CA TYR A 423 -12.31 -4.35 13.34
C TYR A 423 -13.49 -5.13 12.76
N GLU A 424 -14.32 -4.41 11.99
CA GLU A 424 -15.52 -5.00 11.40
C GLU A 424 -15.20 -5.57 10.02
N TYR A 425 -15.54 -6.85 9.83
CA TYR A 425 -15.32 -7.54 8.56
C TYR A 425 -16.55 -8.36 8.22
N GLU A 426 -16.74 -8.62 6.93
CA GLU A 426 -17.86 -9.42 6.46
C GLU A 426 -17.47 -10.89 6.45
N GLU A 427 -18.19 -11.70 7.23
CA GLU A 427 -17.96 -13.14 7.24
C GLU A 427 -18.27 -13.77 5.88
N SER A 428 -19.12 -13.13 5.08
CA SER A 428 -19.42 -13.65 3.75
C SER A 428 -18.22 -13.56 2.82
N THR A 429 -17.43 -12.49 2.96
CA THR A 429 -16.22 -12.35 2.15
C THR A 429 -15.22 -13.44 2.48
N LYS A 430 -15.12 -13.82 3.75
CA LYS A 430 -14.22 -14.89 4.15
C LYS A 430 -14.67 -16.23 3.58
N ASN A 431 -15.98 -16.46 3.54
CA ASN A 431 -16.49 -17.73 3.02
C ASN A 431 -16.33 -17.82 1.51
N GLN A 432 -16.56 -16.71 0.81
CA GLN A 432 -16.38 -16.70 -0.64
C GLN A 432 -14.91 -16.89 -1.02
N ALA A 433 -13.99 -16.38 -0.20
CA ALA A 433 -12.57 -16.58 -0.47
C ALA A 433 -12.20 -18.04 -0.38
N THR A 434 -12.67 -18.73 0.67
CA THR A 434 -12.35 -20.15 0.83
C THR A 434 -12.95 -20.97 -0.30
N LYS A 435 -14.20 -20.71 -0.66
CA LYS A 435 -14.83 -21.41 -1.76
C LYS A 435 -14.07 -21.19 -3.07
N GLU A 436 -13.63 -19.95 -3.31
CA GLU A 436 -12.87 -19.66 -4.51
C GLU A 436 -11.55 -20.42 -4.52
N GLN A 437 -10.91 -20.55 -3.35
CA GLN A 437 -9.63 -21.24 -3.29
C GLN A 437 -9.79 -22.75 -3.36
N GLN A 438 -10.83 -23.31 -2.73
CA GLN A 438 -11.05 -24.75 -2.79
C GLN A 438 -11.43 -25.18 -4.19
N GLU A 439 -12.08 -24.30 -4.96
CA GLU A 439 -12.39 -24.64 -6.35
C GLU A 439 -11.14 -24.67 -7.21
N LEU A 440 -10.22 -23.72 -6.99
CA LEU A 440 -8.97 -23.71 -7.75
C LEU A 440 -8.09 -24.90 -7.40
N LEU A 441 -8.05 -25.27 -6.10
CA LEU A 441 -7.31 -26.46 -5.70
C LEU A 441 -7.92 -27.72 -6.32
N MET A 442 -9.25 -27.77 -6.40
CA MET A 442 -9.91 -28.94 -6.97
C MET A 442 -9.64 -29.05 -8.46
N LYS A 443 -9.59 -27.91 -9.17
CA LYS A 443 -9.28 -27.94 -10.59
C LYS A 443 -7.81 -28.25 -10.83
N MET A 444 -6.92 -27.77 -9.94
CA MET A 444 -5.51 -28.12 -10.07
C MET A 444 -5.25 -29.58 -9.74
N LEU A 445 -6.02 -30.15 -8.81
CA LEU A 445 -5.88 -31.58 -8.51
C LEU A 445 -6.36 -32.43 -9.68
N ALA A 446 -7.48 -32.04 -10.31
CA ALA A 446 -7.95 -32.75 -11.48
C ALA A 446 -6.97 -32.65 -12.64
N LEU A 447 -6.27 -31.52 -12.76
CA LEU A 447 -5.28 -31.38 -13.82
C LEU A 447 -4.07 -32.27 -13.56
N SER A 448 -3.59 -32.29 -12.31
CA SER A 448 -2.47 -33.15 -11.97
C SER A 448 -2.85 -34.63 -12.11
N CYS A 449 -4.12 -34.96 -11.86
CA CYS A 449 -4.57 -36.33 -12.03
C CYS A 449 -4.56 -36.74 -13.50
N LYS A 450 -4.95 -35.82 -14.39
CA LYS A 450 -4.90 -36.11 -15.82
C LYS A 450 -3.47 -36.30 -16.30
N LEU A 451 -2.52 -35.60 -15.71
CA LEU A 451 -1.11 -35.70 -16.07
C LEU A 451 -0.40 -36.86 -15.40
N GLU A 452 -1.15 -37.75 -14.73
CA GLU A 452 -0.59 -38.88 -14.00
C GLU A 452 0.43 -38.45 -12.95
N ARG A 453 0.22 -37.27 -12.35
CA ARG A 453 1.04 -36.78 -11.25
C ARG A 453 0.24 -36.91 -9.97
N GLU A 454 0.21 -38.13 -9.43
CA GLU A 454 -0.61 -38.41 -8.26
C GLU A 454 0.02 -37.91 -6.97
N PHE A 455 1.35 -37.87 -6.90
CA PHE A 455 2.00 -37.27 -5.73
C PHE A 455 1.67 -35.79 -5.64
N ARG A 456 1.63 -35.09 -6.78
CA ARG A 456 1.27 -33.68 -6.78
C ARG A 456 -0.17 -33.48 -6.32
N CYS A 457 -1.05 -34.43 -6.60
CA CYS A 457 -2.44 -34.33 -6.14
C CYS A 457 -2.52 -34.30 -4.63
N VAL A 458 -1.72 -35.15 -3.97
CA VAL A 458 -1.73 -35.19 -2.50
C VAL A 458 -1.18 -33.89 -1.94
N GLU A 459 -0.18 -33.31 -2.60
CA GLU A 459 0.34 -32.01 -2.16
C GLU A 459 -0.72 -30.93 -2.25
N LEU A 460 -1.51 -30.93 -3.33
CA LEU A 460 -2.59 -29.98 -3.46
C LEU A 460 -3.69 -30.23 -2.43
N ALA A 461 -3.94 -31.49 -2.10
CA ALA A 461 -4.96 -31.82 -1.11
C ALA A 461 -4.55 -31.39 0.30
N ASP A 462 -3.26 -31.19 0.55
CA ASP A 462 -2.83 -30.70 1.85
C ASP A 462 -3.34 -29.29 2.10
N LEU A 463 -3.52 -28.50 1.04
CA LEU A 463 -4.07 -27.16 1.14
C LEU A 463 -5.59 -27.13 1.20
N MET A 464 -6.24 -28.27 1.07
CA MET A 464 -7.69 -28.33 1.01
C MET A 464 -8.31 -28.44 2.40
N THR A 465 -9.59 -28.10 2.49
CA THR A 465 -10.35 -28.34 3.70
C THR A 465 -10.65 -29.84 3.83
N GLN A 466 -11.14 -30.23 5.01
CA GLN A 466 -11.47 -31.63 5.24
C GLN A 466 -12.57 -32.10 4.31
N ASN A 467 -13.54 -31.23 4.02
CA ASN A 467 -14.60 -31.60 3.09
C ASN A 467 -14.07 -31.77 1.68
N ALA A 468 -13.15 -30.91 1.26
CA ALA A 468 -12.60 -31.01 -0.08
C ALA A 468 -11.72 -32.24 -0.23
N VAL A 469 -10.99 -32.61 0.82
CA VAL A 469 -10.18 -33.82 0.77
C VAL A 469 -11.07 -35.05 0.66
N ASN A 470 -12.15 -35.10 1.44
CA ASN A 470 -13.08 -36.22 1.35
C ASN A 470 -13.67 -36.33 -0.04
N LEU A 471 -13.93 -35.19 -0.69
CA LEU A 471 -14.43 -35.22 -2.06
C LEU A 471 -13.38 -35.71 -3.03
N ALA A 472 -12.11 -35.34 -2.78
CA ALA A 472 -11.03 -35.78 -3.66
C ALA A 472 -10.79 -37.29 -3.53
N ILE A 473 -11.12 -37.87 -2.38
CA ILE A 473 -10.97 -39.31 -2.21
C ILE A 473 -11.95 -40.05 -3.12
N LYS A 474 -13.21 -39.61 -3.16
CA LYS A 474 -14.19 -40.24 -4.03
C LYS A 474 -13.88 -39.99 -5.50
N TYR A 475 -13.30 -38.84 -5.83
CA TYR A 475 -12.84 -38.61 -7.20
C TYR A 475 -11.66 -39.50 -7.55
N ALA A 476 -10.85 -39.87 -6.55
CA ALA A 476 -9.73 -40.77 -6.79
C ALA A 476 -10.19 -42.23 -6.88
N SER A 477 -11.21 -42.61 -6.11
CA SER A 477 -11.82 -43.92 -6.29
C SER A 477 -12.38 -44.07 -7.70
N ARG A 478 -13.09 -43.04 -8.16
CA ARG A 478 -13.42 -42.91 -9.57
C ARG A 478 -12.13 -42.81 -10.38
N SER A 479 -12.20 -43.25 -11.63
CA SER A 479 -11.08 -43.26 -12.57
C SER A 479 -9.95 -44.21 -12.14
N ARG A 480 -10.22 -45.07 -11.15
CA ARG A 480 -9.34 -46.20 -10.82
C ARG A 480 -7.95 -45.76 -10.35
N LYS A 481 -7.90 -44.67 -9.60
CA LYS A 481 -6.65 -44.23 -8.97
C LYS A 481 -6.62 -44.72 -7.53
N LEU A 482 -6.37 -46.03 -7.40
CA LEU A 482 -6.54 -46.69 -6.11
C LEU A 482 -5.50 -46.27 -5.10
N ILE A 483 -4.24 -46.18 -5.49
CA ILE A 483 -3.19 -45.80 -4.55
C ILE A 483 -3.35 -44.33 -4.15
N LEU A 484 -3.68 -43.47 -5.12
CA LEU A 484 -3.93 -42.06 -4.80
C LEU A 484 -5.06 -41.93 -3.79
N ALA A 485 -6.12 -42.71 -3.94
CA ALA A 485 -7.23 -42.67 -3.00
C ALA A 485 -6.78 -43.06 -1.59
N GLN A 486 -5.84 -44.02 -1.50
N GLN A 486 -5.84 -44.01 -1.51
CA GLN A 486 -5.35 -44.42 -0.19
CA GLN A 486 -5.34 -44.43 -0.21
C GLN A 486 -4.48 -43.33 0.43
C GLN A 486 -4.48 -43.35 0.43
N LYS A 487 -3.65 -42.67 -0.37
CA LYS A 487 -2.82 -41.59 0.16
C LYS A 487 -3.68 -40.42 0.62
N LEU A 488 -4.75 -40.11 -0.13
CA LEU A 488 -5.65 -39.03 0.28
C LEU A 488 -6.40 -39.40 1.55
N SER A 489 -6.77 -40.68 1.69
CA SER A 489 -7.46 -41.11 2.90
C SER A 489 -6.55 -40.98 4.12
N GLU A 490 -5.28 -41.37 3.98
CA GLU A 490 -4.34 -41.20 5.09
C GLU A 490 -4.09 -39.74 5.40
N LEU A 491 -4.17 -38.87 4.39
CA LEU A 491 -4.07 -37.44 4.64
C LEU A 491 -5.31 -36.93 5.38
N ALA A 492 -6.49 -37.46 5.03
CA ALA A 492 -7.71 -37.06 5.72
C ALA A 492 -7.67 -37.49 7.19
N VAL A 493 -7.08 -38.65 7.46
CA VAL A 493 -6.93 -39.10 8.85
C VAL A 493 -6.00 -38.16 9.60
N GLU A 494 -4.90 -37.74 8.97
CA GLU A 494 -3.95 -36.84 9.62
C GLU A 494 -4.57 -35.47 9.89
N LYS A 495 -5.42 -34.99 8.97
CA LYS A 495 -6.07 -33.71 9.18
C LYS A 495 -7.04 -33.75 10.36
N ALA A 496 -7.77 -34.86 10.48
CA ALA A 496 -8.70 -34.99 11.61
C ALA A 496 -7.96 -35.12 12.93
N ALA A 497 -6.72 -35.64 12.91
CA ALA A 497 -5.93 -35.76 14.13
C ALA A 497 -5.33 -34.44 14.58
N GLU A 498 -5.22 -33.46 13.68
CA GLU A 498 -4.67 -32.15 14.03
C GLU A 498 -5.64 -31.30 14.84
N LEU A 499 -6.91 -31.68 14.93
CA LEU A 499 -7.90 -30.92 15.66
C LEU A 499 -7.79 -31.17 17.17
C1 MLI B . 8.82 -2.33 -20.69
C2 MLI B . 9.96 -1.42 -21.16
C3 MLI B . 7.64 -2.24 -21.67
O6 MLI B . 11.10 -1.53 -20.63
O7 MLI B . 9.77 -0.58 -22.08
O8 MLI B . 7.31 -3.25 -22.34
O9 MLI B . 7.01 -1.16 -21.80
C1 MLI C . -11.13 7.71 -7.53
C2 MLI C . -10.67 8.64 -8.66
C3 MLI C . -9.97 6.78 -7.14
O6 MLI C . -9.58 9.24 -8.58
O7 MLI C . -11.42 8.81 -9.66
O8 MLI C . -9.07 6.52 -7.99
O9 MLI C . -9.92 6.28 -5.99
#